data_5II2
#
_entry.id   5II2
#
_cell.length_a   41.520
_cell.length_b   58.510
_cell.length_c   138.230
_cell.angle_alpha   90.000
_cell.angle_beta   90.000
_cell.angle_gamma   90.000
#
_symmetry.space_group_name_H-M   'P 21 21 21'
#
loop_
_entity.id
_entity.type
_entity.pdbx_description
1 polymer 'Protein polybromo-1'
2 non-polymer 'POTASSIUM ION'
3 non-polymer 'CITRIC ACID'
4 non-polymer 2-(3,4-dihydroxyphenyl)-5,7-dihydroxy-4H-chromen-4-one
5 water water
#
_entity_poly.entity_id   1
_entity_poly.type   'polypeptide(L)'
_entity_poly.pdbx_seq_one_letter_code
;SMSGISPKKSKYMTPMQQKLNEVYEAVKNYTDKRGRRLSAIFLRLPSRSELPDYYLTIKKPMDMEKIRSHMMANKYQDID
SMVEDFVMMFNNACTYNEPESLIYKDALVLHKVLLETRRDLEGD
;
_entity_poly.pdbx_strand_id   A,B
#
# COMPACT_ATOMS: atom_id res chain seq x y z
N SER A 10 30.42 3.14 2.34
CA SER A 10 30.34 3.51 3.79
C SER A 10 28.90 3.46 4.28
N LYS A 11 28.68 2.78 5.39
CA LYS A 11 27.35 2.70 5.98
C LYS A 11 26.86 4.01 6.64
N TYR A 12 27.72 5.02 6.82
CA TYR A 12 27.34 6.23 7.54
C TYR A 12 26.82 7.26 6.57
N MET A 13 25.60 7.73 6.79
CA MET A 13 24.99 8.71 5.91
C MET A 13 25.43 10.10 6.31
N THR A 14 25.59 11.00 5.34
CA THR A 14 25.87 12.38 5.68
C THR A 14 24.61 12.95 6.33
N PRO A 15 24.73 14.13 6.92
CA PRO A 15 23.55 14.73 7.51
C PRO A 15 22.44 14.96 6.48
N MET A 16 22.83 15.41 5.28
CA MET A 16 21.86 15.69 4.19
C MET A 16 21.19 14.36 3.84
N GLN A 17 21.97 13.29 3.72
CA GLN A 17 21.36 11.97 3.45
C GLN A 17 20.39 11.47 4.51
N GLN A 18 20.75 11.73 5.76
CA GLN A 18 19.90 11.30 6.90
C GLN A 18 18.56 12.06 6.86
N LYS A 19 18.66 13.32 6.46
CA LYS A 19 17.51 14.16 6.48
C LYS A 19 16.53 13.73 5.36
N LEU A 20 17.10 13.43 4.19
CA LEU A 20 16.38 12.97 3.05
C LEU A 20 15.64 11.69 3.40
N ASN A 21 16.34 10.82 4.10
CA ASN A 21 15.77 9.56 4.56
C ASN A 21 14.66 9.73 5.58
N GLU A 22 14.84 10.67 6.49
CA GLU A 22 13.84 10.88 7.51
C GLU A 22 12.55 11.46 6.90
N VAL A 23 12.69 12.36 5.94
CA VAL A 23 11.56 12.95 5.26
C VAL A 23 10.80 11.84 4.51
N TYR A 24 11.54 11.07 3.73
CA TYR A 24 11.00 9.98 2.95
C TYR A 24 10.21 9.04 3.84
N GLU A 25 10.89 8.60 4.89
CA GLU A 25 10.31 7.64 5.87
C GLU A 25 9.09 8.21 6.61
N ALA A 26 9.10 9.49 6.86
CA ALA A 26 7.93 10.07 7.51
C ALA A 26 6.65 9.93 6.68
N VAL A 27 6.79 10.17 5.38
CA VAL A 27 5.65 10.04 4.48
C VAL A 27 5.25 8.58 4.29
N LYS A 28 6.25 7.75 4.11
CA LYS A 28 6.06 6.32 3.94
C LYS A 28 5.32 5.67 5.13
N ASN A 29 5.77 6.00 6.32
CA ASN A 29 5.32 5.29 7.53
C ASN A 29 4.14 5.94 8.18
N TYR A 30 3.71 7.14 7.75
CA TYR A 30 2.61 7.75 8.40
C TYR A 30 1.43 6.78 8.39
N THR A 31 0.80 6.56 9.56
CA THR A 31 -0.42 5.82 9.68
C THR A 31 -1.43 6.63 10.46
N ASP A 32 -2.69 6.49 10.07
CA ASP A 32 -3.76 7.28 10.67
C ASP A 32 -4.17 6.61 11.95
N LYS A 33 -5.16 7.20 12.62
CA LYS A 33 -5.63 6.69 13.90
C LYS A 33 -6.21 5.26 13.82
N ARG A 34 -6.63 4.82 12.65
CA ARG A 34 -7.15 3.49 12.48
C ARG A 34 -6.08 2.45 12.09
N GLY A 35 -4.82 2.88 11.99
CA GLY A 35 -3.73 1.98 11.67
C GLY A 35 -3.55 1.82 10.16
N ARG A 36 -4.12 2.70 9.33
CA ARG A 36 -3.97 2.60 7.85
C ARG A 36 -2.78 3.41 7.40
N ARG A 37 -1.98 2.83 6.53
CA ARG A 37 -0.81 3.45 5.97
C ARG A 37 -1.20 4.15 4.70
N LEU A 38 -1.26 5.47 4.79
CA LEU A 38 -1.75 6.26 3.63
C LEU A 38 -0.91 6.08 2.39
N SER A 39 0.41 5.91 2.56
CA SER A 39 1.31 5.79 1.44
C SER A 39 1.12 4.48 0.58
N ALA A 40 0.38 3.50 1.08
CA ALA A 40 0.32 2.17 0.46
C ALA A 40 0.12 2.27 -1.07
N ILE A 41 -0.94 2.94 -1.48
CA ILE A 41 -1.34 3.07 -2.89
C ILE A 41 -0.31 3.85 -3.73
N PHE A 42 0.47 4.73 -3.08
CA PHE A 42 1.38 5.65 -3.77
C PHE A 42 2.74 5.06 -4.13
N LEU A 43 3.08 3.93 -3.48
CA LEU A 43 4.44 3.35 -3.63
C LEU A 43 4.86 3.10 -5.10
N ARG A 44 3.98 2.41 -5.84
CA ARG A 44 4.20 2.08 -7.22
C ARG A 44 2.98 2.36 -8.06
N LEU A 45 3.17 3.24 -9.05
CA LEU A 45 2.12 3.55 -10.04
C LEU A 45 1.76 2.32 -10.80
N PRO A 46 0.45 2.10 -11.00
CA PRO A 46 0.04 1.09 -11.94
C PRO A 46 0.41 1.48 -13.37
N SER A 47 0.18 0.52 -14.26
CA SER A 47 0.53 0.63 -15.67
C SER A 47 -0.44 1.45 -16.49
N ARG A 48 0.00 1.73 -17.69
CA ARG A 48 -0.83 2.37 -18.68
C ARG A 48 -2.19 1.63 -18.84
N SER A 49 -2.21 0.27 -18.90
CA SER A 49 -3.50 -0.49 -19.05
C SER A 49 -4.37 -0.40 -17.82
N GLU A 50 -3.71 -0.32 -16.69
CA GLU A 50 -4.35 -0.43 -15.43
C GLU A 50 -5.00 0.89 -15.03
N LEU A 51 -4.44 2.01 -15.51
CA LEU A 51 -5.00 3.32 -15.18
C LEU A 51 -5.34 4.12 -16.48
N PRO A 52 -6.57 3.95 -17.03
CA PRO A 52 -6.84 4.58 -18.32
C PRO A 52 -6.60 6.09 -18.31
N ASP A 53 -5.87 6.54 -19.33
CA ASP A 53 -5.64 7.96 -19.59
C ASP A 53 -4.57 8.58 -18.69
N TYR A 54 -4.07 7.87 -17.69
CA TYR A 54 -3.11 8.44 -16.75
C TYR A 54 -1.90 9.01 -17.50
N TYR A 55 -1.29 8.18 -18.33
CA TYR A 55 -0.02 8.57 -18.91
C TYR A 55 -0.17 9.49 -20.10
N LEU A 56 -1.36 9.58 -20.70
CA LEU A 56 -1.58 10.66 -21.69
C LEU A 56 -1.80 11.98 -20.94
N THR A 57 -2.42 11.93 -19.74
CA THR A 57 -2.84 13.20 -19.10
C THR A 57 -1.85 13.71 -18.05
N ILE A 58 -1.05 12.83 -17.44
CA ILE A 58 -0.08 13.25 -16.45
C ILE A 58 1.33 13.41 -17.07
N LYS A 59 1.81 14.66 -17.10
CA LYS A 59 3.04 15.07 -17.74
C LYS A 59 4.26 14.43 -17.15
N LYS A 60 4.37 14.37 -15.84
CA LYS A 60 5.52 13.73 -15.23
C LYS A 60 5.12 12.72 -14.17
N PRO A 61 4.99 11.45 -14.54
CA PRO A 61 4.60 10.44 -13.55
C PRO A 61 5.62 10.28 -12.44
N MET A 62 5.13 9.97 -11.25
CA MET A 62 5.97 9.93 -10.10
C MET A 62 5.35 9.02 -9.10
N ASP A 63 6.16 8.17 -8.51
CA ASP A 63 5.69 7.33 -7.41
C ASP A 63 6.77 7.23 -6.37
N MET A 64 6.44 6.71 -5.20
CA MET A 64 7.41 6.72 -4.14
C MET A 64 8.61 5.84 -4.43
N GLU A 65 8.45 4.75 -5.21
CA GLU A 65 9.60 3.89 -5.55
C GLU A 65 10.60 4.66 -6.38
N LYS A 66 10.14 5.47 -7.29
CA LYS A 66 11.04 6.30 -8.05
C LYS A 66 11.80 7.30 -7.16
N ILE A 67 11.08 7.94 -6.25
CA ILE A 67 11.69 8.84 -5.29
C ILE A 67 12.74 8.07 -4.45
N ARG A 68 12.33 6.89 -3.97
CA ARG A 68 13.24 6.11 -3.14
C ARG A 68 14.53 5.74 -3.91
N SER A 69 14.37 5.35 -5.17
CA SER A 69 15.54 5.04 -6.00
C SER A 69 16.48 6.19 -6.25
N HIS A 70 15.92 7.37 -6.49
CA HIS A 70 16.75 8.52 -6.70
CA HIS A 70 16.69 8.60 -6.69
C HIS A 70 17.53 8.80 -5.39
N MET A 71 16.83 8.74 -4.27
CA MET A 71 17.48 8.89 -2.97
C MET A 71 18.58 7.83 -2.74
N MET A 72 18.29 6.57 -3.03
CA MET A 72 19.30 5.52 -2.80
C MET A 72 20.52 5.68 -3.71
N ALA A 73 20.31 6.20 -4.91
CA ALA A 73 21.38 6.48 -5.83
C ALA A 73 22.06 7.80 -5.48
N ASN A 74 21.57 8.50 -4.47
CA ASN A 74 22.21 9.66 -3.99
C ASN A 74 22.15 10.86 -4.88
N LYS A 75 21.00 11.06 -5.51
CA LYS A 75 20.86 12.09 -6.52
C LYS A 75 20.01 13.30 -6.11
N TYR A 76 19.46 13.31 -4.90
CA TYR A 76 18.91 14.55 -4.39
C TYR A 76 20.09 15.36 -3.82
N GLN A 77 20.27 16.58 -4.32
CA GLN A 77 21.34 17.47 -3.87
C GLN A 77 20.86 18.14 -2.63
N ASP A 78 19.55 18.14 -2.39
CA ASP A 78 18.96 18.88 -1.27
C ASP A 78 17.53 18.43 -0.96
N ILE A 79 17.02 18.90 0.17
CA ILE A 79 15.73 18.54 0.67
C ILE A 79 14.61 19.01 -0.28
N ASP A 80 14.70 20.27 -0.74
CA ASP A 80 13.67 20.82 -1.59
C ASP A 80 13.46 19.98 -2.86
N SER A 81 14.52 19.41 -3.43
CA SER A 81 14.39 18.58 -4.60
C SER A 81 13.53 17.34 -4.34
N MET A 82 13.65 16.74 -3.16
CA MET A 82 12.87 15.59 -2.86
C MET A 82 11.36 15.96 -2.66
N VAL A 83 11.17 17.03 -1.89
CA VAL A 83 9.87 17.64 -1.62
C VAL A 83 9.14 17.92 -2.93
N GLU A 84 9.87 18.54 -3.86
CA GLU A 84 9.36 18.73 -5.23
C GLU A 84 8.73 17.48 -5.84
N ASP A 85 9.47 16.37 -5.77
CA ASP A 85 8.95 15.12 -6.32
C ASP A 85 7.70 14.60 -5.61
N PHE A 86 7.68 14.73 -4.30
CA PHE A 86 6.51 14.31 -3.55
C PHE A 86 5.30 15.17 -3.95
N VAL A 87 5.52 16.48 -4.08
CA VAL A 87 4.45 17.41 -4.41
C VAL A 87 3.91 17.07 -5.78
N MET A 88 4.82 16.79 -6.71
CA MET A 88 4.43 16.34 -8.08
C MET A 88 3.55 15.10 -8.01
N MET A 89 3.96 14.12 -7.21
CA MET A 89 3.13 12.94 -7.04
C MET A 89 1.73 13.23 -6.50
N PHE A 90 1.67 14.02 -5.45
CA PHE A 90 0.38 14.34 -4.83
C PHE A 90 -0.48 15.14 -5.85
N ASN A 91 0.10 16.11 -6.52
CA ASN A 91 -0.63 16.87 -7.57
C ASN A 91 -1.13 15.96 -8.72
N ASN A 92 -0.32 14.99 -9.10
CA ASN A 92 -0.70 14.03 -10.12
C ASN A 92 -1.91 13.27 -9.69
N ALA A 93 -1.91 12.78 -8.45
CA ALA A 93 -2.99 12.01 -7.93
C ALA A 93 -4.24 12.87 -7.84
N CYS A 94 -4.05 14.11 -7.43
CA CYS A 94 -5.14 15.04 -7.34
C CYS A 94 -5.63 15.49 -8.72
N THR A 95 -4.78 15.53 -9.72
CA THR A 95 -5.23 15.77 -11.06
C THR A 95 -6.07 14.59 -11.60
N TYR A 96 -5.57 13.38 -11.50
CA TYR A 96 -6.25 12.23 -12.04
C TYR A 96 -7.54 11.81 -11.34
N ASN A 97 -7.58 11.94 -10.02
CA ASN A 97 -8.72 11.41 -9.25
C ASN A 97 -9.60 12.53 -8.80
N GLU A 98 -10.82 12.17 -8.41
CA GLU A 98 -11.82 13.14 -8.01
C GLU A 98 -11.56 13.55 -6.55
N PRO A 99 -11.94 14.78 -6.17
CA PRO A 99 -11.89 15.23 -4.77
C PRO A 99 -12.54 14.28 -3.73
N GLU A 100 -13.59 13.60 -4.13
CA GLU A 100 -14.29 12.65 -3.24
C GLU A 100 -13.54 11.34 -3.06
N SER A 101 -12.57 11.04 -3.92
CA SER A 101 -11.91 9.76 -3.87
C SER A 101 -10.95 9.74 -2.67
N LEU A 102 -10.69 8.55 -2.15
CA LEU A 102 -9.79 8.44 -1.00
C LEU A 102 -8.34 8.79 -1.35
N ILE A 103 -7.85 8.33 -2.51
CA ILE A 103 -6.49 8.67 -2.90
C ILE A 103 -6.26 10.21 -2.84
N TYR A 104 -7.22 10.97 -3.34
CA TYR A 104 -7.16 12.44 -3.37
C TYR A 104 -7.11 12.99 -1.95
N LYS A 105 -7.96 12.46 -1.05
CA LYS A 105 -7.92 12.89 0.34
C LYS A 105 -6.56 12.54 1.05
N ASP A 106 -6.08 11.33 0.78
CA ASP A 106 -4.82 10.85 1.35
C ASP A 106 -3.65 11.68 0.87
N ALA A 107 -3.66 12.05 -0.43
CA ALA A 107 -2.61 12.90 -0.97
C ALA A 107 -2.56 14.22 -0.21
N LEU A 108 -3.71 14.77 0.12
CA LEU A 108 -3.75 15.99 0.92
C LEU A 108 -3.19 15.82 2.32
N VAL A 109 -3.52 14.72 3.00
CA VAL A 109 -2.95 14.46 4.32
C VAL A 109 -1.42 14.29 4.26
N LEU A 110 -1.00 13.50 3.30
CA LEU A 110 0.44 13.24 3.15
C LEU A 110 1.24 14.47 2.78
N HIS A 111 0.62 15.38 2.04
CA HIS A 111 1.25 16.65 1.73
C HIS A 111 1.53 17.42 3.02
N LYS A 112 0.53 17.49 3.89
CA LYS A 112 0.69 18.06 5.24
C LYS A 112 1.75 17.33 6.06
N VAL A 113 1.75 15.99 6.03
CA VAL A 113 2.82 15.27 6.69
C VAL A 113 4.23 15.69 6.15
N LEU A 114 4.35 15.79 4.83
CA LEU A 114 5.59 16.18 4.16
C LEU A 114 6.11 17.57 4.64
N LEU A 115 5.23 18.56 4.57
CA LEU A 115 5.63 19.91 4.94
C LEU A 115 5.87 20.03 6.42
N GLU A 116 5.06 19.37 7.25
CA GLU A 116 5.28 19.41 8.70
C GLU A 116 6.65 18.85 9.04
N THR A 117 6.98 17.73 8.40
CA THR A 117 8.23 17.07 8.63
C THR A 117 9.39 17.97 8.21
N ARG A 118 9.30 18.59 7.02
CA ARG A 118 10.38 19.46 6.56
C ARG A 118 10.55 20.63 7.51
N ARG A 119 9.41 21.20 7.90
CA ARG A 119 9.40 22.34 8.78
C ARG A 119 10.01 21.92 10.13
N ASP A 120 9.59 20.79 10.71
CA ASP A 120 10.19 20.27 11.98
C ASP A 120 11.68 20.06 11.94
N LEU A 121 12.23 19.77 10.78
CA LEU A 121 13.64 19.48 10.69
C LEU A 121 14.39 20.69 10.20
N GLU A 122 13.84 21.89 10.40
CA GLU A 122 14.37 23.09 9.75
C GLU A 122 15.81 23.38 10.19
N GLY A 123 16.06 23.35 11.50
CA GLY A 123 17.43 23.42 12.06
C GLY A 123 18.05 22.06 12.30
N ASP A 124 17.67 21.10 11.46
CA ASP A 124 17.96 19.68 11.64
C ASP A 124 17.59 19.13 13.04
N SER B 10 9.08 -21.36 21.48
CA SER B 10 8.47 -20.00 21.63
C SER B 10 8.87 -19.12 20.44
N LYS B 11 10.15 -19.10 20.07
CA LYS B 11 10.47 -18.58 18.72
C LYS B 11 10.15 -19.58 17.60
N TYR B 12 10.08 -20.88 17.88
CA TYR B 12 9.87 -21.89 16.83
C TYR B 12 8.39 -22.07 16.53
N MET B 13 8.01 -21.81 15.30
CA MET B 13 6.67 -22.09 14.84
C MET B 13 6.36 -23.58 14.59
N THR B 14 5.15 -23.99 14.91
CA THR B 14 4.66 -25.31 14.53
C THR B 14 4.53 -25.37 13.00
N PRO B 15 4.50 -26.59 12.43
CA PRO B 15 4.25 -26.75 11.00
C PRO B 15 3.02 -25.95 10.47
N MET B 16 1.93 -26.02 11.22
CA MET B 16 0.70 -25.30 10.85
C MET B 16 0.93 -23.79 10.91
N GLN B 17 1.59 -23.30 11.95
CA GLN B 17 1.92 -21.86 11.99
C GLN B 17 2.79 -21.40 10.86
N GLN B 18 3.75 -22.23 10.50
CA GLN B 18 4.61 -21.97 9.34
C GLN B 18 3.82 -21.90 8.03
N LYS B 19 2.89 -22.84 7.89
CA LYS B 19 2.10 -22.93 6.67
C LYS B 19 1.21 -21.68 6.59
N LEU B 20 0.54 -21.35 7.67
CA LEU B 20 -0.29 -20.18 7.75
C LEU B 20 0.51 -18.92 7.40
N ASN B 21 1.68 -18.80 7.99
CA ASN B 21 2.53 -17.69 7.71
C ASN B 21 2.97 -17.61 6.25
N GLU B 22 3.26 -18.74 5.66
CA GLU B 22 3.67 -18.77 4.29
C GLU B 22 2.54 -18.35 3.34
N VAL B 23 1.32 -18.78 3.62
CA VAL B 23 0.17 -18.41 2.79
C VAL B 23 -0.01 -16.91 2.88
N TYR B 24 -0.04 -16.40 4.12
CA TYR B 24 -0.19 -14.98 4.36
C TYR B 24 0.89 -14.14 3.63
N GLU B 25 2.13 -14.54 3.82
CA GLU B 25 3.25 -13.89 3.19
C GLU B 25 3.20 -13.93 1.69
N ALA B 26 2.73 -15.04 1.14
CA ALA B 26 2.70 -15.15 -0.32
C ALA B 26 1.80 -14.07 -0.93
N VAL B 27 0.61 -13.91 -0.35
CA VAL B 27 -0.33 -12.87 -0.79
C VAL B 27 0.17 -11.48 -0.50
N LYS B 28 0.58 -11.28 0.75
CA LYS B 28 1.17 -10.01 1.10
C LYS B 28 2.31 -9.54 0.15
N ASN B 29 3.24 -10.43 -0.16
CA ASN B 29 4.49 -10.03 -0.79
C ASN B 29 4.45 -10.09 -2.31
N TYR B 30 3.37 -10.61 -2.87
CA TYR B 30 3.30 -10.78 -4.30
C TYR B 30 3.54 -9.44 -4.98
N THR B 31 4.42 -9.45 -5.96
CA THR B 31 4.70 -8.31 -6.73
C THR B 31 4.58 -8.63 -8.19
N ASP B 32 3.99 -7.72 -8.97
CA ASP B 32 3.85 -7.95 -10.39
C ASP B 32 5.18 -7.66 -11.09
N LYS B 33 5.23 -7.87 -12.39
CA LYS B 33 6.46 -7.64 -13.16
C LYS B 33 6.95 -6.20 -13.14
N ARG B 34 6.08 -5.25 -12.82
CA ARG B 34 6.51 -3.84 -12.79
C ARG B 34 7.00 -3.45 -11.38
N GLY B 35 6.97 -4.37 -10.42
CA GLY B 35 7.36 -4.07 -9.06
C GLY B 35 6.21 -3.56 -8.21
N ARG B 36 4.97 -3.74 -8.64
CA ARG B 36 3.88 -3.22 -7.87
C ARG B 36 3.42 -4.31 -6.93
N ARG B 37 3.31 -3.95 -5.66
CA ARG B 37 2.76 -4.86 -4.65
C ARG B 37 1.22 -4.80 -4.57
N LEU B 38 0.58 -5.86 -5.00
CA LEU B 38 -0.86 -5.83 -5.19
C LEU B 38 -1.66 -5.76 -3.87
N SER B 39 -1.06 -6.29 -2.81
CA SER B 39 -1.68 -6.29 -1.49
C SER B 39 -1.80 -4.87 -0.86
N ALA B 40 -1.07 -3.87 -1.40
CA ALA B 40 -0.91 -2.53 -0.74
C ALA B 40 -2.27 -1.96 -0.23
N ILE B 41 -3.25 -1.93 -1.10
CA ILE B 41 -4.57 -1.36 -0.77
C ILE B 41 -5.37 -2.22 0.20
N PHE B 42 -5.13 -3.52 0.19
CA PHE B 42 -5.92 -4.46 0.95
C PHE B 42 -5.57 -4.52 2.42
N LEU B 43 -4.40 -4.01 2.77
CA LEU B 43 -3.87 -4.22 4.15
C LEU B 43 -4.80 -3.76 5.23
N ARG B 44 -5.30 -2.54 5.09
CA ARG B 44 -6.21 -1.92 6.05
C ARG B 44 -7.36 -1.23 5.33
N LEU B 45 -8.55 -1.73 5.63
CA LEU B 45 -9.77 -1.14 5.08
C LEU B 45 -9.91 0.29 5.55
N PRO B 46 -10.24 1.21 4.64
CA PRO B 46 -10.67 2.55 5.06
C PRO B 46 -11.95 2.53 5.93
N SER B 47 -12.24 3.67 6.54
CA SER B 47 -13.44 3.91 7.40
C SER B 47 -14.71 4.13 6.61
N ARG B 48 -15.84 4.15 7.32
CA ARG B 48 -17.17 4.58 6.73
C ARG B 48 -17.15 5.90 6.02
N SER B 49 -16.47 6.88 6.63
CA SER B 49 -16.42 8.21 6.05
C SER B 49 -15.55 8.23 4.76
N GLU B 50 -14.62 7.28 4.65
CA GLU B 50 -13.73 7.24 3.51
C GLU B 50 -14.35 6.48 2.35
N LEU B 51 -15.15 5.46 2.66
CA LEU B 51 -15.84 4.67 1.66
C LEU B 51 -17.31 4.59 2.08
N PRO B 52 -18.06 5.66 1.71
CA PRO B 52 -19.39 5.85 2.27
C PRO B 52 -20.33 4.68 2.05
N ASP B 53 -20.38 4.05 0.86
CA ASP B 53 -21.26 2.88 0.69
C ASP B 53 -20.72 1.60 1.28
N TYR B 54 -19.43 1.54 1.64
CA TYR B 54 -18.80 0.23 1.92
C TYR B 54 -19.47 -0.58 3.01
N TYR B 55 -19.61 0.03 4.20
CA TYR B 55 -20.07 -0.74 5.37
C TYR B 55 -21.59 -0.90 5.35
N LEU B 56 -22.27 -0.14 4.51
CA LEU B 56 -23.70 -0.35 4.21
C LEU B 56 -23.94 -1.51 3.20
N THR B 57 -22.95 -1.82 2.39
CA THR B 57 -22.99 -2.87 1.38
C THR B 57 -22.35 -4.16 1.87
N ILE B 58 -21.21 -4.08 2.54
CA ILE B 58 -20.46 -5.27 2.88
C ILE B 58 -20.81 -5.77 4.29
N LYS B 59 -21.35 -6.97 4.38
CA LYS B 59 -21.82 -7.58 5.63
C LYS B 59 -20.67 -7.91 6.59
N LYS B 60 -19.58 -8.44 6.05
CA LYS B 60 -18.49 -8.97 6.85
C LYS B 60 -17.21 -8.37 6.36
N PRO B 61 -16.94 -7.13 6.78
CA PRO B 61 -15.67 -6.50 6.44
C PRO B 61 -14.44 -7.27 6.81
N MET B 62 -13.42 -7.22 5.94
CA MET B 62 -12.22 -7.97 6.15
C MET B 62 -11.07 -7.29 5.50
N ASP B 63 -9.95 -7.29 6.20
CA ASP B 63 -8.73 -6.82 5.58
C ASP B 63 -7.58 -7.67 6.04
N MET B 64 -6.41 -7.44 5.45
CA MET B 64 -5.25 -8.25 5.77
C MET B 64 -4.70 -8.05 7.17
N GLU B 65 -4.85 -6.85 7.75
CA GLU B 65 -4.41 -6.63 9.13
C GLU B 65 -5.24 -7.48 10.08
N LYS B 66 -6.55 -7.64 9.78
CA LYS B 66 -7.42 -8.49 10.58
C LYS B 66 -6.99 -9.94 10.51
N ILE B 67 -6.70 -10.40 9.29
CA ILE B 67 -6.18 -11.76 9.10
C ILE B 67 -4.82 -11.92 9.84
N ARG B 68 -3.93 -10.96 9.64
CA ARG B 68 -2.63 -11.00 10.32
C ARG B 68 -2.75 -11.11 11.83
N SER B 69 -3.60 -10.32 12.45
CA SER B 69 -3.72 -10.32 13.92
C SER B 69 -4.32 -11.59 14.48
N HIS B 70 -5.31 -12.12 13.79
CA HIS B 70 -5.82 -13.43 14.08
C HIS B 70 -4.76 -14.53 13.99
N MET B 71 -4.00 -14.52 12.91
CA MET B 71 -2.83 -15.40 12.76
C MET B 71 -1.88 -15.23 13.93
N MET B 72 -1.44 -14.00 14.20
CA MET B 72 -0.46 -13.73 15.25
C MET B 72 -1.03 -14.05 16.65
N ALA B 73 -2.35 -14.00 16.82
CA ALA B 73 -2.97 -14.44 18.04
C ALA B 73 -3.06 -15.99 18.12
N ASN B 74 -2.62 -16.67 17.08
CA ASN B 74 -2.79 -18.10 16.93
C ASN B 74 -4.21 -18.61 16.92
N LYS B 75 -5.10 -17.84 16.35
CA LYS B 75 -6.48 -18.20 16.39
C LYS B 75 -6.94 -18.96 15.16
N TYR B 76 -6.14 -19.11 14.10
CA TYR B 76 -6.50 -20.01 12.99
C TYR B 76 -6.17 -21.48 13.33
N GLN B 77 -7.17 -22.35 13.14
CA GLN B 77 -7.09 -23.73 13.58
C GLN B 77 -6.55 -24.57 12.46
N ASP B 78 -6.59 -24.04 11.24
CA ASP B 78 -6.24 -24.77 10.04
C ASP B 78 -6.13 -23.78 8.90
N ILE B 79 -5.66 -24.25 7.76
CA ILE B 79 -5.39 -23.40 6.61
C ILE B 79 -6.67 -22.91 5.94
N ASP B 80 -7.64 -23.79 5.81
CA ASP B 80 -8.91 -23.41 5.21
C ASP B 80 -9.57 -22.25 5.90
N SER B 81 -9.43 -22.14 7.23
CA SER B 81 -10.00 -21.01 7.93
C SER B 81 -9.35 -19.68 7.50
N MET B 82 -8.05 -19.68 7.19
CA MET B 82 -7.37 -18.49 6.79
C MET B 82 -7.78 -18.19 5.34
N VAL B 83 -7.80 -19.24 4.54
CA VAL B 83 -8.20 -19.09 3.13
C VAL B 83 -9.60 -18.44 3.05
N GLU B 84 -10.49 -18.94 3.86
CA GLU B 84 -11.82 -18.34 3.97
C GLU B 84 -11.84 -16.83 4.22
N ASP B 85 -10.98 -16.36 5.14
CA ASP B 85 -10.96 -14.94 5.38
C ASP B 85 -10.45 -14.17 4.18
N PHE B 86 -9.43 -14.71 3.49
CA PHE B 86 -8.94 -14.06 2.29
C PHE B 86 -10.05 -13.99 1.23
N VAL B 87 -10.69 -15.12 0.96
CA VAL B 87 -11.75 -15.20 -0.05
C VAL B 87 -12.86 -14.23 0.34
N MET B 88 -13.16 -14.11 1.64
CA MET B 88 -14.14 -13.13 2.04
C MET B 88 -13.72 -11.68 1.64
N MET B 89 -12.46 -11.33 1.90
CA MET B 89 -11.91 -10.06 1.54
C MET B 89 -11.97 -9.79 0.03
N PHE B 90 -11.59 -10.80 -0.77
CA PHE B 90 -11.51 -10.63 -2.22
C PHE B 90 -12.94 -10.53 -2.77
N ASN B 91 -13.84 -11.33 -2.22
CA ASN B 91 -15.29 -11.18 -2.60
C ASN B 91 -15.89 -9.84 -2.18
N ASN B 92 -15.47 -9.35 -1.01
CA ASN B 92 -15.87 -7.99 -0.60
C ASN B 92 -15.41 -6.96 -1.60
N ALA B 93 -14.12 -6.97 -1.91
CA ALA B 93 -13.55 -6.02 -2.82
C ALA B 93 -14.22 -6.12 -4.18
N CYS B 94 -14.38 -7.32 -4.68
CA CYS B 94 -15.06 -7.48 -5.96
C CYS B 94 -16.57 -7.14 -5.90
N THR B 95 -17.26 -7.38 -4.76
CA THR B 95 -18.63 -6.88 -4.62
C THR B 95 -18.62 -5.34 -4.75
N TYR B 96 -17.69 -4.67 -4.08
CA TYR B 96 -17.81 -3.22 -3.90
C TYR B 96 -17.40 -2.46 -5.14
N ASN B 97 -16.41 -2.97 -5.85
CA ASN B 97 -15.80 -2.30 -6.97
C ASN B 97 -16.27 -2.88 -8.30
N GLU B 98 -16.05 -2.13 -9.36
CA GLU B 98 -16.51 -2.50 -10.70
C GLU B 98 -15.57 -3.54 -11.29
N PRO B 99 -16.08 -4.46 -12.12
CA PRO B 99 -15.18 -5.42 -12.76
C PRO B 99 -13.93 -4.87 -13.47
N GLU B 100 -14.00 -3.63 -13.98
CA GLU B 100 -12.93 -3.05 -14.75
C GLU B 100 -11.95 -2.25 -13.85
N SER B 101 -12.32 -2.00 -12.59
CA SER B 101 -11.40 -1.33 -11.66
C SER B 101 -10.17 -2.17 -11.35
N LEU B 102 -9.10 -1.48 -10.96
CA LEU B 102 -7.87 -2.15 -10.65
C LEU B 102 -7.93 -3.01 -9.37
N ILE B 103 -8.70 -2.56 -8.39
CA ILE B 103 -8.85 -3.30 -7.11
C ILE B 103 -9.47 -4.66 -7.39
N TYR B 104 -10.52 -4.64 -8.21
CA TYR B 104 -11.19 -5.88 -8.64
C TYR B 104 -10.23 -6.82 -9.33
N LYS B 105 -9.46 -6.29 -10.28
CA LYS B 105 -8.49 -7.06 -11.02
C LYS B 105 -7.40 -7.65 -10.10
N ASP B 106 -6.94 -6.81 -9.20
CA ASP B 106 -5.94 -7.20 -8.27
C ASP B 106 -6.45 -8.27 -7.35
N ALA B 107 -7.68 -8.14 -6.85
CA ALA B 107 -8.25 -9.16 -6.03
C ALA B 107 -8.28 -10.52 -6.75
N LEU B 108 -8.52 -10.55 -8.07
CA LEU B 108 -8.51 -11.83 -8.83
C LEU B 108 -7.11 -12.49 -8.89
N VAL B 109 -6.13 -11.64 -9.09
CA VAL B 109 -4.77 -12.09 -9.16
C VAL B 109 -4.35 -12.64 -7.79
N LEU B 110 -4.59 -11.89 -6.73
CA LEU B 110 -4.20 -12.32 -5.36
C LEU B 110 -4.96 -13.53 -4.93
N HIS B 111 -6.20 -13.67 -5.43
CA HIS B 111 -6.93 -14.88 -5.23
C HIS B 111 -6.24 -16.12 -5.83
N LYS B 112 -5.75 -16.02 -7.05
CA LYS B 112 -4.97 -17.08 -7.66
C LYS B 112 -3.70 -17.45 -6.86
N VAL B 113 -3.05 -16.33 -6.47
CA VAL B 113 -1.84 -16.45 -5.66
C VAL B 113 -2.15 -17.32 -4.41
N LEU B 114 -3.25 -16.99 -3.76
CA LEU B 114 -3.64 -17.63 -2.54
C LEU B 114 -3.91 -19.12 -2.81
N LEU B 115 -4.69 -19.41 -3.84
CA LEU B 115 -5.07 -20.80 -4.15
C LEU B 115 -3.85 -21.60 -4.65
N GLU B 116 -3.08 -21.02 -5.55
CA GLU B 116 -1.78 -21.60 -5.95
C GLU B 116 -0.86 -21.89 -4.77
N THR B 117 -0.74 -20.94 -3.86
CA THR B 117 0.08 -21.18 -2.70
C THR B 117 -0.43 -22.35 -1.86
N ARG B 118 -1.72 -22.39 -1.50
CA ARG B 118 -2.27 -23.53 -0.83
C ARG B 118 -2.03 -24.83 -1.62
N ARG B 119 -2.38 -24.85 -2.91
CA ARG B 119 -2.09 -26.01 -3.77
C ARG B 119 -0.63 -26.48 -3.63
N ASP B 120 0.30 -25.56 -3.80
CA ASP B 120 1.70 -25.93 -3.85
C ASP B 120 2.22 -26.34 -2.48
N LEU B 121 1.45 -26.12 -1.42
CA LEU B 121 1.81 -26.59 -0.13
C LEU B 121 1.10 -27.87 0.23
N GLU B 122 0.83 -28.69 -0.79
CA GLU B 122 0.04 -29.91 -0.61
C GLU B 122 0.91 -30.96 0.00
#